data_9ERT
#
_entry.id   9ERT
#
_cell.length_a   110.832
_cell.length_b   110.832
_cell.length_c   83.281
_cell.angle_alpha   90.000
_cell.angle_beta   90.000
_cell.angle_gamma   120.000
#
_symmetry.space_group_name_H-M   'P 31 2 1'
#
loop_
_entity.id
_entity.type
_entity.pdbx_description
1 polymer "2',3'-cyclic-nucleotide 3'-phosphodiesterase"
2 polymer 'Chains: B'
3 non-polymer 'PHOSPHATE ION'
#
loop_
_entity_poly.entity_id
_entity_poly.type
_entity_poly.pdbx_seq_one_letter_code
_entity_poly.pdbx_strand_id
1 'polypeptide(L)'
;GLEKDFLPLYFGWFLTKKSSETLRKAGQVFLEELGNHKAFKKELRHFISGDEPKEKLELVSYFGKRPPGVLHCTTKFCDY
GKAAGAEEYAQQEVVKRSYGKAFKLSISALFVTPKTAGAQVVLTDQELQLWPSDLDKPSASEGLPPGSRAHVTLGCAADV
QPVQTGLDLLDILQQVKGGSQGEAVGELPRGKLYSLGKGRWMLSLTKKMEVKAIFTGYYG
;
A
2 'polypeptide(L)'
;EVQLLESGGGSVQAGGSLRLSCAASGFTVGDYAIGWFRQAPGQQREAVACISTDDGDTYYADSVKGRFTISSDNAKKTAY
LEMNNLKPEDTAVYHCAVDGWDSSCTFYSPSYYRDFSDHGAWGQGTQVTVSS
;
B
#
# COMPACT_ATOMS: atom_id res chain seq x y z
N ASP A 5 -19.08 12.48 -2.11
CA ASP A 5 -19.26 11.30 -1.29
C ASP A 5 -18.70 10.07 -1.99
N PHE A 6 -17.44 10.16 -2.43
CA PHE A 6 -16.77 9.05 -3.10
C PHE A 6 -15.89 8.30 -2.12
N LEU A 7 -16.53 7.81 -1.05
CA LEU A 7 -15.79 7.28 0.08
C LEU A 7 -15.31 5.85 -0.18
N PRO A 8 -14.17 5.47 0.41
CA PRO A 8 -13.62 4.12 0.15
C PRO A 8 -14.14 3.07 1.12
N LEU A 9 -13.55 1.87 1.04
CA LEU A 9 -13.79 0.88 2.08
C LEU A 9 -13.13 1.29 3.38
N TYR A 10 -11.93 1.88 3.31
CA TYR A 10 -11.23 2.37 4.49
C TYR A 10 -10.03 3.22 4.11
N PHE A 11 -9.90 4.38 4.74
CA PHE A 11 -8.73 5.22 4.55
C PHE A 11 -7.49 4.58 5.16
N GLY A 12 -6.32 4.92 4.63
CA GLY A 12 -5.09 4.42 5.19
C GLY A 12 -3.93 4.65 4.25
N TRP A 13 -2.73 4.46 4.79
CA TRP A 13 -1.51 4.51 4.00
C TRP A 13 -1.22 3.12 3.47
N PHE A 14 -1.17 3.00 2.15
CA PHE A 14 -0.91 1.73 1.48
C PHE A 14 0.52 1.73 0.96
N LEU A 15 1.36 0.88 1.54
CA LEU A 15 2.76 0.80 1.13
C LEU A 15 2.88 0.55 -0.38
N THR A 16 4.03 0.91 -0.94
CA THR A 16 4.33 0.57 -2.31
C THR A 16 4.50 -0.95 -2.45
N LYS A 17 4.48 -1.41 -3.70
CA LYS A 17 4.81 -2.81 -3.96
C LYS A 17 6.22 -3.13 -3.48
N LYS A 18 7.18 -2.28 -3.81
CA LYS A 18 8.56 -2.45 -3.38
C LYS A 18 8.64 -2.54 -1.86
N SER A 19 8.34 -1.43 -1.18
CA SER A 19 8.44 -1.40 0.27
C SER A 19 7.61 -2.50 0.91
N SER A 20 6.36 -2.66 0.46
CA SER A 20 5.51 -3.71 1.03
C SER A 20 6.20 -5.06 0.96
N GLU A 21 6.83 -5.37 -0.18
CA GLU A 21 7.63 -6.59 -0.28
C GLU A 21 8.82 -6.53 0.67
N THR A 22 9.46 -5.36 0.77
CA THR A 22 10.57 -5.21 1.69
C THR A 22 10.14 -5.50 3.13
N LEU A 23 8.99 -4.95 3.53
CA LEU A 23 8.47 -5.22 4.87
C LEU A 23 8.14 -6.70 5.04
N ARG A 24 7.66 -7.35 3.98
CA ARG A 24 7.28 -8.75 4.04
C ARG A 24 8.49 -9.64 4.32
N LYS A 25 9.43 -9.69 3.38
CA LYS A 25 10.61 -10.53 3.57
C LYS A 25 11.31 -10.23 4.88
N ALA A 26 11.25 -8.97 5.35
CA ALA A 26 11.78 -8.66 6.66
C ALA A 26 10.88 -9.21 7.76
N GLY A 27 9.56 -9.11 7.58
CA GLY A 27 8.65 -9.71 8.54
C GLY A 27 8.79 -11.22 8.61
N GLN A 28 8.92 -11.86 7.44
CA GLN A 28 9.08 -13.31 7.43
C GLN A 28 10.43 -13.72 8.02
N VAL A 29 11.50 -13.00 7.67
CA VAL A 29 12.79 -13.31 8.26
C VAL A 29 12.74 -13.12 9.77
N PHE A 30 11.91 -12.18 10.24
CA PHE A 30 11.71 -12.03 11.67
C PHE A 30 11.01 -13.27 12.25
N LEU A 31 9.93 -13.71 11.60
CA LEU A 31 9.25 -14.93 12.05
C LEU A 31 10.22 -16.11 12.10
N GLU A 32 11.07 -16.25 11.08
CA GLU A 32 12.02 -17.36 11.05
C GLU A 32 12.99 -17.28 12.21
N GLU A 33 13.61 -16.12 12.40
CA GLU A 33 14.65 -15.97 13.41
C GLU A 33 14.08 -16.22 14.81
N LEU A 34 12.95 -15.59 15.12
CA LEU A 34 12.35 -15.79 16.44
C LEU A 34 11.93 -17.25 16.63
N GLY A 35 11.47 -17.89 15.56
CA GLY A 35 11.11 -19.30 15.66
C GLY A 35 12.29 -20.17 16.05
N ASN A 36 13.45 -19.90 15.46
CA ASN A 36 14.68 -20.61 15.81
C ASN A 36 15.41 -19.98 16.98
N HIS A 37 14.94 -18.84 17.48
CA HIS A 37 15.56 -18.21 18.63
C HIS A 37 15.45 -19.11 19.85
N LYS A 38 16.56 -19.29 20.57
CA LYS A 38 16.58 -20.23 21.67
C LYS A 38 15.61 -19.82 22.77
N ALA A 39 15.69 -18.58 23.23
CA ALA A 39 14.81 -18.15 24.32
C ALA A 39 13.34 -18.27 23.93
N PHE A 40 13.02 -17.97 22.67
CA PHE A 40 11.65 -18.18 22.20
C PHE A 40 11.27 -19.65 22.33
N LYS A 41 12.15 -20.55 21.88
CA LYS A 41 11.90 -21.97 22.06
C LYS A 41 11.89 -22.37 23.53
N LYS A 42 12.48 -21.55 24.40
CA LYS A 42 12.38 -21.83 25.84
C LYS A 42 10.99 -21.48 26.36
N GLU A 43 10.39 -20.41 25.85
CA GLU A 43 9.00 -20.08 26.14
C GLU A 43 8.05 -20.59 25.07
N LEU A 44 8.45 -21.64 24.34
CA LEU A 44 7.57 -22.26 23.36
C LEU A 44 6.29 -22.78 24.01
N ARG A 45 6.32 -23.05 25.31
CA ARG A 45 5.13 -23.57 25.99
C ARG A 45 4.10 -22.47 26.19
N HIS A 46 4.54 -21.23 26.35
CA HIS A 46 3.63 -20.12 26.56
C HIS A 46 2.97 -19.67 25.26
N PHE A 47 3.64 -19.87 24.13
CA PHE A 47 3.10 -19.47 22.83
C PHE A 47 1.94 -20.37 22.42
N ASP A 51 -1.70 -31.07 21.11
CA ASP A 51 -1.82 -32.53 21.11
C ASP A 51 -0.44 -33.19 21.17
N GLU A 52 0.40 -32.89 20.18
CA GLU A 52 1.75 -33.45 20.12
C GLU A 52 2.60 -32.52 19.26
N PRO A 53 3.94 -32.61 19.37
CA PRO A 53 4.84 -31.76 18.59
C PRO A 53 5.08 -32.30 17.16
N LYS A 54 3.98 -32.55 16.45
CA LYS A 54 4.09 -33.02 15.07
C LYS A 54 4.78 -31.98 14.20
N GLU A 55 4.32 -30.73 14.28
CA GLU A 55 4.99 -29.62 13.63
C GLU A 55 5.82 -28.78 14.60
N LYS A 56 5.80 -29.13 15.89
CA LYS A 56 6.47 -28.34 16.92
C LYS A 56 5.97 -26.91 16.85
N LEU A 57 6.79 -25.99 16.33
CA LEU A 57 6.32 -24.64 16.05
C LEU A 57 7.16 -24.04 14.93
N GLU A 58 6.49 -23.67 13.84
CA GLU A 58 7.10 -22.92 12.74
C GLU A 58 6.30 -21.65 12.55
N LEU A 59 6.89 -20.51 12.93
CA LEU A 59 6.15 -19.26 12.93
C LEU A 59 5.81 -18.80 11.53
N VAL A 60 6.68 -19.05 10.55
CA VAL A 60 6.36 -18.73 9.17
C VAL A 60 5.09 -19.43 8.72
N SER A 61 4.71 -20.51 9.39
CA SER A 61 3.46 -21.21 9.13
C SER A 61 2.40 -20.98 10.20
N TYR A 62 2.77 -20.41 11.34
CA TYR A 62 1.79 -20.18 12.41
C TYR A 62 0.84 -19.05 12.06
N PHE A 63 1.37 -17.96 11.51
CA PHE A 63 0.55 -16.91 10.91
C PHE A 63 0.67 -16.91 9.39
N GLY A 64 1.06 -18.04 8.80
CA GLY A 64 1.23 -18.11 7.35
C GLY A 64 0.08 -17.50 6.58
N LYS A 65 -1.11 -17.46 7.18
CA LYS A 65 -2.25 -16.79 6.58
C LYS A 65 -2.08 -15.28 6.72
N ARG A 66 -2.00 -14.59 5.59
CA ARG A 66 -1.74 -13.15 5.57
C ARG A 66 -2.42 -12.55 4.34
N PRO A 67 -3.37 -11.63 4.51
CA PRO A 67 -4.03 -11.01 3.36
C PRO A 67 -3.01 -10.50 2.36
N PRO A 68 -3.07 -10.96 1.10
CA PRO A 68 -2.02 -10.63 0.15
C PRO A 68 -2.24 -9.30 -0.55
N GLY A 69 -1.12 -8.69 -0.95
CA GLY A 69 -1.14 -7.41 -1.64
C GLY A 69 -0.23 -6.41 -0.98
N VAL A 70 -0.51 -5.13 -1.17
CA VAL A 70 0.24 -4.08 -0.49
C VAL A 70 -0.21 -4.01 0.95
N LEU A 71 0.74 -3.97 1.87
CA LEU A 71 0.41 -3.78 3.27
C LEU A 71 -0.13 -2.37 3.48
N HIS A 72 -0.75 -2.14 4.64
CA HIS A 72 -1.39 -0.86 4.90
C HIS A 72 -1.49 -0.62 6.39
N CYS A 73 -1.55 0.65 6.76
CA CYS A 73 -1.82 1.10 8.12
C CYS A 73 -3.13 1.88 8.07
N THR A 74 -4.23 1.23 8.42
CA THR A 74 -5.54 1.84 8.27
C THR A 74 -5.73 3.00 9.24
N THR A 75 -6.13 4.15 8.70
CA THR A 75 -6.58 5.25 9.55
C THR A 75 -8.04 5.03 9.96
N LYS A 76 -8.94 5.11 8.99
CA LYS A 76 -10.37 5.05 9.22
C LYS A 76 -11.00 3.97 8.35
N PHE A 77 -11.92 3.22 8.94
CA PHE A 77 -12.69 2.21 8.21
C PHE A 77 -14.03 2.83 7.82
N CYS A 78 -14.23 3.01 6.52
CA CYS A 78 -15.42 3.71 6.03
C CYS A 78 -16.55 2.78 5.62
N ASP A 79 -16.24 1.66 4.97
CA ASP A 79 -17.25 0.74 4.45
C ASP A 79 -18.09 1.36 3.34
N TYR A 80 -17.54 2.37 2.67
CA TYR A 80 -18.27 3.13 1.66
C TYR A 80 -19.42 3.90 2.30
N GLY A 81 -19.29 5.22 2.40
CA GLY A 81 -20.28 6.04 3.06
C GLY A 81 -20.19 5.95 4.57
N LYS A 82 -20.74 6.97 5.23
CA LYS A 82 -20.61 7.11 6.67
C LYS A 82 -20.97 5.85 7.43
N ALA A 83 -19.99 4.98 7.66
CA ALA A 83 -20.08 3.91 8.65
C ALA A 83 -19.12 4.29 9.77
N ALA A 84 -19.67 4.72 10.90
CA ALA A 84 -18.88 5.19 12.04
C ALA A 84 -18.25 6.54 11.77
N GLY A 85 -19.07 7.56 11.52
CA GLY A 85 -18.54 8.89 11.29
C GLY A 85 -17.53 8.97 10.18
N ALA A 86 -17.58 8.03 9.23
CA ALA A 86 -16.58 8.00 8.17
C ALA A 86 -16.69 9.21 7.27
N GLU A 87 -17.90 9.65 6.95
CA GLU A 87 -18.06 10.79 6.05
C GLU A 87 -17.61 12.09 6.68
N GLU A 88 -17.59 12.18 8.01
CA GLU A 88 -17.00 13.34 8.68
C GLU A 88 -15.49 13.25 8.66
N TYR A 89 -14.94 12.03 8.66
CA TYR A 89 -13.50 11.87 8.44
C TYR A 89 -13.11 12.36 7.05
N ALA A 90 -13.80 11.86 6.02
CA ALA A 90 -13.50 12.27 4.65
C ALA A 90 -13.73 13.76 4.42
N GLN A 91 -14.54 14.41 5.26
CA GLN A 91 -14.78 15.84 5.11
C GLN A 91 -13.63 16.68 5.63
N GLN A 92 -12.73 16.10 6.42
CA GLN A 92 -11.58 16.86 6.90
C GLN A 92 -10.73 17.31 5.73
N GLU A 93 -10.48 18.61 5.64
CA GLU A 93 -9.61 19.12 4.58
C GLU A 93 -8.26 18.43 4.60
N VAL A 94 -7.79 18.01 5.78
CA VAL A 94 -6.52 17.28 5.85
C VAL A 94 -6.62 15.97 5.09
N VAL A 95 -7.73 15.25 5.25
CA VAL A 95 -7.88 13.95 4.60
C VAL A 95 -7.98 14.13 3.08
N LYS A 96 -8.82 15.06 2.63
CA LYS A 96 -8.97 15.28 1.20
C LYS A 96 -7.66 15.74 0.58
N ARG A 97 -7.00 16.72 1.19
CA ARG A 97 -5.74 17.23 0.65
C ARG A 97 -4.66 16.15 0.64
N SER A 98 -4.77 15.16 1.53
CA SER A 98 -3.80 14.09 1.61
C SER A 98 -4.18 12.87 0.77
N TYR A 99 -5.40 12.83 0.24
CA TYR A 99 -5.88 11.63 -0.45
C TYR A 99 -5.05 11.40 -1.72
N GLY A 100 -4.46 10.22 -1.83
CA GLY A 100 -3.64 9.87 -2.97
C GLY A 100 -2.24 10.43 -2.94
N LYS A 101 -1.93 11.31 -2.00
CA LYS A 101 -0.59 11.86 -1.86
C LYS A 101 0.37 10.77 -1.36
N ALA A 102 1.66 11.11 -1.33
CA ALA A 102 2.69 10.18 -0.90
C ALA A 102 3.14 10.49 0.52
N PHE A 103 3.39 9.43 1.30
CA PHE A 103 3.85 9.58 2.67
C PHE A 103 4.86 8.47 2.96
N LYS A 104 5.63 8.67 4.04
CA LYS A 104 6.68 7.76 4.43
C LYS A 104 6.45 7.34 5.88
N LEU A 105 6.08 6.07 6.07
CA LEU A 105 5.83 5.53 7.39
C LEU A 105 7.11 4.94 7.97
N SER A 106 7.19 4.93 9.31
CA SER A 106 8.38 4.48 10.01
C SER A 106 8.02 3.29 10.88
N ILE A 107 8.66 2.16 10.62
CA ILE A 107 8.38 0.92 11.34
C ILE A 107 9.39 0.84 12.49
N SER A 108 8.96 1.30 13.66
CA SER A 108 9.83 1.28 14.84
C SER A 108 10.27 -0.13 15.17
N ALA A 109 9.33 -1.06 15.23
CA ALA A 109 9.62 -2.39 15.75
C ALA A 109 8.58 -3.38 15.23
N LEU A 110 9.06 -4.55 14.80
CA LEU A 110 8.17 -5.65 14.50
C LEU A 110 7.83 -6.39 15.80
N PHE A 111 6.89 -7.33 15.70
CA PHE A 111 6.41 -8.00 16.90
C PHE A 111 5.63 -9.24 16.49
N VAL A 112 5.52 -10.18 17.43
CA VAL A 112 4.71 -11.37 17.26
C VAL A 112 3.92 -11.59 18.54
N THR A 113 2.76 -12.24 18.40
CA THR A 113 1.93 -12.60 19.54
C THR A 113 1.20 -13.88 19.19
N PRO A 114 0.76 -14.65 20.18
CA PRO A 114 0.05 -15.90 19.86
C PRO A 114 -1.15 -15.68 18.97
N LYS A 115 -1.74 -14.50 19.00
CA LYS A 115 -2.87 -14.17 18.13
C LYS A 115 -2.39 -13.65 16.77
N THR A 116 -1.58 -12.60 16.77
CA THR A 116 -1.24 -11.90 15.53
C THR A 116 0.25 -11.71 15.34
N ALA A 117 0.60 -10.85 14.37
CA ALA A 117 1.97 -10.42 14.11
C ALA A 117 1.93 -9.21 13.19
N GLY A 118 2.67 -8.17 13.51
CA GLY A 118 2.60 -6.94 12.76
C GLY A 118 3.83 -6.08 12.94
N ALA A 119 3.63 -4.78 12.72
CA ALA A 119 4.72 -3.82 12.80
C ALA A 119 4.21 -2.53 13.43
N GLN A 120 5.09 -1.88 14.20
CA GLN A 120 4.74 -0.67 14.92
C GLN A 120 5.08 0.54 14.05
N VAL A 121 4.05 1.28 13.62
CA VAL A 121 4.22 2.46 12.80
C VAL A 121 4.19 3.68 13.70
N VAL A 122 5.23 4.50 13.62
CA VAL A 122 5.33 5.72 14.41
C VAL A 122 5.04 6.88 13.46
N LEU A 123 3.76 7.22 13.36
CA LEU A 123 3.34 8.25 12.40
C LEU A 123 3.95 9.60 12.76
N THR A 124 4.13 10.43 11.73
CA THR A 124 4.58 11.79 11.93
C THR A 124 3.42 12.65 12.43
N ASP A 125 3.75 13.85 12.90
CA ASP A 125 2.70 14.80 13.26
C ASP A 125 1.76 15.05 12.09
N GLN A 126 2.32 15.23 10.89
CA GLN A 126 1.49 15.44 9.71
C GLN A 126 0.65 14.21 9.40
N GLU A 127 1.24 13.02 9.55
CA GLU A 127 0.46 11.80 9.34
C GLU A 127 -0.58 11.58 10.42
N LEU A 128 -0.38 12.16 11.61
CA LEU A 128 -1.34 11.98 12.69
C LEU A 128 -2.58 12.84 12.51
N GLN A 129 -2.46 13.97 11.79
CA GLN A 129 -3.65 14.76 11.48
C GLN A 129 -4.72 13.90 10.84
N LEU A 130 -4.33 12.88 10.09
CA LEU A 130 -5.30 11.98 9.48
C LEU A 130 -5.86 10.99 10.48
N TRP A 131 -4.99 10.41 11.31
CA TRP A 131 -5.40 9.33 12.20
C TRP A 131 -6.66 9.73 12.97
N PRO A 132 -7.69 8.88 13.03
CA PRO A 132 -8.92 9.26 13.71
C PRO A 132 -8.99 8.79 15.15
N SER A 133 -9.39 9.68 16.06
CA SER A 133 -9.61 9.32 17.46
C SER A 133 -11.06 8.88 17.68
N ASP A 134 -11.55 8.00 16.81
CA ASP A 134 -12.94 7.54 16.87
C ASP A 134 -12.98 6.04 16.63
N LEU A 135 -13.62 5.31 17.55
CA LEU A 135 -13.78 3.87 17.41
C LEU A 135 -14.94 3.37 18.28
N ASP A 136 -14.91 3.72 19.57
CA ASP A 136 -15.91 3.22 20.52
C ASP A 136 -15.89 1.70 20.58
N ALA A 140 -6.41 -0.76 26.32
CA ALA A 140 -4.97 -0.62 26.24
C ALA A 140 -4.57 0.75 25.71
N SER A 141 -5.51 1.42 25.03
CA SER A 141 -5.23 2.75 24.52
C SER A 141 -5.06 3.76 25.64
N GLU A 142 -5.57 3.47 26.83
CA GLU A 142 -5.41 4.38 27.96
C GLU A 142 -3.94 4.63 28.25
N GLY A 143 -3.63 5.88 28.59
CA GLY A 143 -2.27 6.24 28.96
C GLY A 143 -1.24 6.02 27.89
N LEU A 144 -1.65 5.93 26.62
CA LEU A 144 -0.72 5.81 25.52
C LEU A 144 -1.01 6.89 24.48
N PRO A 145 0.02 7.48 23.89
CA PRO A 145 -0.17 8.67 23.05
C PRO A 145 -1.00 8.36 21.83
N PRO A 146 -1.45 9.37 21.10
CA PRO A 146 -2.24 9.13 19.89
C PRO A 146 -1.42 8.40 18.84
N GLY A 147 -2.13 7.70 17.95
CA GLY A 147 -1.48 6.91 16.93
C GLY A 147 -0.75 5.69 17.41
N SER A 148 -0.76 5.42 18.73
CA SER A 148 -0.12 4.20 19.23
C SER A 148 -0.71 2.96 18.59
N ARG A 149 -1.97 3.04 18.13
CA ARG A 149 -2.59 1.93 17.43
C ARG A 149 -2.03 1.77 16.02
N ALA A 150 -1.35 2.80 15.50
CA ALA A 150 -0.79 2.75 14.16
C ALA A 150 0.09 1.51 14.00
N HIS A 151 -0.33 0.61 13.11
CA HIS A 151 0.37 -0.65 12.91
C HIS A 151 0.20 -1.10 11.47
N VAL A 152 0.81 -2.24 11.16
CA VAL A 152 0.69 -2.88 9.85
C VAL A 152 0.62 -4.38 10.10
N THR A 153 -0.56 -4.97 9.96
CA THR A 153 -0.72 -6.39 10.18
C THR A 153 0.14 -7.17 9.20
N LEU A 154 1.02 -8.02 9.71
CA LEU A 154 1.90 -8.83 8.90
C LEU A 154 1.50 -10.30 8.87
N GLY A 155 0.57 -10.72 9.71
CA GLY A 155 0.16 -12.11 9.76
C GLY A 155 -0.77 -12.41 10.91
N CYS A 156 -1.77 -13.26 10.68
CA CYS A 156 -2.71 -13.69 11.71
C CYS A 156 -2.89 -15.20 11.60
N ALA A 157 -2.85 -15.88 12.73
CA ALA A 157 -2.94 -17.33 12.79
C ALA A 157 -4.39 -17.77 12.72
N ALA A 158 -4.85 -18.05 11.51
CA ALA A 158 -6.19 -18.61 11.28
C ALA A 158 -7.28 -17.77 11.94
N ASP A 159 -7.98 -18.34 12.93
CA ASP A 159 -9.23 -17.76 13.44
C ASP A 159 -9.04 -16.41 14.15
N VAL A 160 -7.81 -15.91 14.29
CA VAL A 160 -7.60 -14.55 14.77
C VAL A 160 -7.97 -13.60 13.65
N GLN A 161 -9.23 -13.12 13.67
CA GLN A 161 -9.82 -12.44 12.51
C GLN A 161 -10.25 -10.97 12.67
N PRO A 162 -9.75 -10.20 13.65
CA PRO A 162 -10.10 -8.77 13.64
C PRO A 162 -8.90 -7.84 13.62
N VAL A 163 -9.15 -6.54 13.77
CA VAL A 163 -8.11 -5.58 14.10
C VAL A 163 -7.49 -6.04 15.41
N GLN A 164 -6.79 -7.17 15.39
CA GLN A 164 -6.17 -7.74 16.57
C GLN A 164 -4.69 -7.45 16.63
N THR A 165 -4.05 -7.21 15.48
CA THR A 165 -2.66 -6.79 15.46
C THR A 165 -2.51 -5.37 15.97
N GLY A 166 -3.54 -4.55 15.83
CA GLY A 166 -3.52 -3.21 16.38
C GLY A 166 -3.84 -3.22 17.85
N LEU A 167 -4.77 -4.09 18.25
CA LEU A 167 -5.05 -4.28 19.67
C LEU A 167 -3.92 -5.00 20.38
N ASP A 168 -3.26 -5.93 19.69
CA ASP A 168 -2.08 -6.58 20.27
C ASP A 168 -0.94 -5.59 20.41
N LEU A 169 -0.60 -4.88 19.33
CA LEU A 169 0.47 -3.89 19.39
C LEU A 169 0.25 -2.93 20.55
N LEU A 170 -0.95 -2.33 20.61
CA LEU A 170 -1.25 -1.44 21.72
C LEU A 170 -1.13 -2.16 23.05
N ASP A 171 -1.67 -3.37 23.13
CA ASP A 171 -1.56 -4.17 24.35
C ASP A 171 -0.09 -4.40 24.72
N ILE A 172 0.75 -4.68 23.72
CA ILE A 172 2.18 -4.85 23.99
C ILE A 172 2.81 -3.53 24.39
N LEU A 173 2.28 -2.40 23.88
CA LEU A 173 2.80 -1.10 24.27
C LEU A 173 2.39 -0.70 25.67
N GLN A 174 1.33 -1.31 26.21
CA GLN A 174 0.97 -1.08 27.61
C GLN A 174 1.98 -1.71 28.54
N GLN A 175 2.35 -2.97 28.28
CA GLN A 175 3.42 -3.61 29.03
C GLN A 175 4.64 -2.70 29.10
N VAL A 176 5.16 -2.29 27.94
CA VAL A 176 6.33 -1.44 27.89
C VAL A 176 6.07 -0.12 28.62
N LYS A 177 4.83 0.36 28.60
CA LYS A 177 4.50 1.58 29.33
C LYS A 177 4.91 1.46 30.79
N GLY A 178 4.61 0.33 31.41
CA GLY A 178 4.97 0.06 32.79
C GLY A 178 6.33 -0.55 32.99
N GLY A 179 7.13 -0.67 31.94
CA GLY A 179 8.45 -1.26 32.06
C GLY A 179 8.47 -2.76 32.11
N SER A 180 7.52 -3.42 31.44
CA SER A 180 7.50 -4.88 31.38
C SER A 180 8.37 -5.44 30.28
N GLN A 181 8.94 -4.57 29.43
CA GLN A 181 9.82 -4.98 28.34
C GLN A 181 10.61 -6.24 28.66
N GLY A 182 11.09 -6.35 29.90
CA GLY A 182 11.83 -7.52 30.30
C GLY A 182 13.28 -7.53 29.88
N GLU A 183 13.83 -6.37 29.51
CA GLU A 183 15.21 -6.28 29.07
C GLU A 183 15.46 -7.16 27.85
N ALA A 184 16.64 -7.05 27.27
CA ALA A 184 16.98 -7.83 26.07
C ALA A 184 16.95 -9.32 26.35
N VAL A 185 15.76 -9.94 26.25
CA VAL A 185 15.68 -11.39 26.33
C VAL A 185 16.69 -12.04 25.40
N GLY A 186 17.03 -11.36 24.31
CA GLY A 186 18.05 -11.78 23.39
C GLY A 186 18.24 -10.73 22.32
N GLU A 187 18.69 -11.12 21.14
CA GLU A 187 18.80 -10.17 20.04
C GLU A 187 18.88 -10.91 18.71
N LEU A 188 18.00 -10.55 17.79
CA LEU A 188 17.99 -11.07 16.43
C LEU A 188 18.77 -10.13 15.51
N PRO A 189 19.05 -10.55 14.28
CA PRO A 189 19.68 -9.61 13.35
C PRO A 189 18.73 -8.49 12.98
N ARG A 190 19.28 -7.28 12.86
CA ARG A 190 18.56 -6.09 12.44
C ARG A 190 17.78 -5.45 13.59
N GLY A 191 17.93 -5.95 14.80
CA GLY A 191 17.25 -5.34 15.94
C GLY A 191 17.46 -6.16 17.20
N LYS A 192 16.83 -5.69 18.28
CA LYS A 192 16.91 -6.31 19.58
C LYS A 192 15.59 -7.00 19.92
N LEU A 193 15.65 -7.92 20.89
CA LEU A 193 14.52 -8.77 21.21
C LEU A 193 14.10 -8.61 22.67
N TYR A 194 12.80 -8.77 22.91
CA TYR A 194 12.23 -8.68 24.25
C TYR A 194 11.04 -9.63 24.33
N SER A 195 10.64 -9.95 25.56
CA SER A 195 9.47 -10.78 25.78
C SER A 195 8.78 -10.32 27.06
N LEU A 196 7.45 -10.25 27.01
CA LEU A 196 6.68 -9.64 28.09
C LEU A 196 5.46 -10.46 28.51
N GLY A 197 5.18 -11.59 27.88
CA GLY A 197 4.05 -12.39 28.28
C GLY A 197 3.94 -13.65 27.45
N LYS A 198 2.73 -14.19 27.40
CA LYS A 198 2.47 -15.41 26.63
C LYS A 198 2.66 -15.10 25.14
N GLY A 199 3.83 -15.43 24.62
CA GLY A 199 4.15 -15.14 23.23
C GLY A 199 4.25 -13.67 22.90
N ARG A 200 4.33 -12.80 23.91
CA ARG A 200 4.37 -11.36 23.71
C ARG A 200 5.80 -10.91 23.42
N TRP A 201 6.33 -11.40 22.31
CA TRP A 201 7.69 -11.07 21.89
C TRP A 201 7.69 -9.86 20.97
N MET A 202 8.78 -9.09 21.04
CA MET A 202 8.89 -7.83 20.32
C MET A 202 10.33 -7.64 19.85
N LEU A 203 10.49 -7.32 18.57
CA LEU A 203 11.80 -7.00 18.00
C LEU A 203 11.91 -5.49 17.86
N SER A 204 12.66 -4.85 18.76
CA SER A 204 12.93 -3.42 18.68
C SER A 204 14.02 -3.20 17.65
N LEU A 205 13.63 -2.81 16.44
CA LEU A 205 14.59 -2.57 15.38
C LEU A 205 15.58 -1.50 15.80
N THR A 206 16.87 -1.83 15.74
CA THR A 206 17.89 -0.82 16.00
C THR A 206 17.82 0.30 14.98
N LYS A 207 17.43 -0.01 13.75
CA LYS A 207 17.25 0.98 12.71
C LYS A 207 15.80 0.97 12.24
N LYS A 208 15.14 2.12 12.34
CA LYS A 208 13.77 2.23 11.87
C LYS A 208 13.65 1.77 10.43
N MET A 209 12.69 0.89 10.18
CA MET A 209 12.38 0.42 8.82
C MET A 209 11.41 1.41 8.20
N GLU A 210 11.95 2.45 7.58
CA GLU A 210 11.12 3.46 6.93
C GLU A 210 10.56 2.90 5.63
N VAL A 211 9.24 2.99 5.46
CA VAL A 211 8.57 2.46 4.28
C VAL A 211 7.86 3.60 3.58
N LYS A 212 7.63 3.41 2.28
CA LYS A 212 6.97 4.39 1.43
C LYS A 212 5.54 3.94 1.16
N ALA A 213 4.58 4.84 1.40
CA ALA A 213 3.17 4.53 1.26
C ALA A 213 2.44 5.73 0.68
N ILE A 214 1.16 5.52 0.39
CA ILE A 214 0.30 6.55 -0.16
C ILE A 214 -1.00 6.55 0.64
N PHE A 215 -1.43 7.74 1.06
CA PHE A 215 -2.67 7.89 1.81
C PHE A 215 -3.83 7.97 0.82
N THR A 216 -4.33 6.81 0.42
CA THR A 216 -5.53 6.73 -0.41
C THR A 216 -6.57 5.89 0.32
N GLY A 217 -7.54 5.37 -0.41
CA GLY A 217 -8.51 4.46 0.17
C GLY A 217 -8.75 3.28 -0.73
N TYR A 218 -9.17 2.17 -0.12
CA TYR A 218 -9.45 0.96 -0.89
C TYR A 218 -10.86 1.01 -1.47
N TYR A 219 -11.05 0.29 -2.57
CA TYR A 219 -12.35 0.14 -3.21
C TYR A 219 -12.47 -1.28 -3.72
N GLY A 220 -13.51 -2.00 -3.29
CA GLY A 220 -13.72 -3.36 -3.73
C GLY A 220 -14.70 -4.14 -2.87
N GLU B 1 12.31 18.66 -13.28
CA GLU B 1 11.17 19.37 -13.92
C GLU B 1 10.24 18.38 -14.61
N VAL B 2 9.32 17.80 -13.83
CA VAL B 2 8.47 16.74 -14.36
C VAL B 2 7.46 17.34 -15.34
N GLN B 3 7.49 16.85 -16.57
CA GLN B 3 6.52 17.23 -17.59
C GLN B 3 6.30 16.05 -18.52
N LEU B 4 5.04 15.77 -18.84
CA LEU B 4 4.67 14.70 -19.75
C LEU B 4 4.30 15.31 -21.09
N LEU B 5 4.98 14.88 -22.15
CA LEU B 5 4.70 15.34 -23.51
C LEU B 5 3.92 14.22 -24.21
N GLU B 6 2.61 14.24 -24.04
CA GLU B 6 1.74 13.24 -24.63
C GLU B 6 1.28 13.69 -26.03
N SER B 7 0.91 12.72 -26.86
CA SER B 7 0.57 12.99 -28.25
C SER B 7 -0.02 11.73 -28.86
N GLY B 8 -0.21 11.75 -30.19
CA GLY B 8 -0.51 10.56 -30.95
C GLY B 8 -1.97 10.17 -31.06
N GLY B 9 -2.88 10.98 -30.51
CA GLY B 9 -4.29 10.68 -30.55
C GLY B 9 -5.04 11.52 -31.57
N GLY B 10 -6.36 11.51 -31.45
CA GLY B 10 -7.23 12.31 -32.27
C GLY B 10 -8.48 11.54 -32.65
N SER B 11 -9.18 12.05 -33.67
CA SER B 11 -10.41 11.43 -34.13
C SER B 11 -10.11 10.21 -35.00
N VAL B 12 -10.91 9.16 -34.81
CA VAL B 12 -10.86 7.98 -35.66
C VAL B 12 -12.26 7.41 -35.80
N GLN B 13 -12.39 6.33 -36.57
CA GLN B 13 -13.64 5.62 -36.73
C GLN B 13 -13.54 4.26 -36.05
N ALA B 14 -14.70 3.70 -35.68
CA ALA B 14 -14.74 2.39 -35.05
C ALA B 14 -13.86 1.41 -35.80
N GLY B 15 -13.29 0.45 -35.08
CA GLY B 15 -12.35 -0.49 -35.65
C GLY B 15 -11.00 0.09 -36.03
N GLY B 16 -10.83 1.40 -35.94
CA GLY B 16 -9.57 2.03 -36.25
C GLY B 16 -8.54 1.81 -35.15
N SER B 17 -7.36 2.39 -35.38
CA SER B 17 -6.24 2.25 -34.46
C SER B 17 -5.57 3.60 -34.24
N LEU B 18 -5.14 3.83 -33.00
CA LEU B 18 -4.41 5.03 -32.62
C LEU B 18 -3.15 4.65 -31.87
N ARG B 19 -2.32 5.64 -31.56
CA ARG B 19 -1.07 5.40 -30.84
C ARG B 19 -0.78 6.62 -29.98
N LEU B 20 -1.18 6.55 -28.72
CA LEU B 20 -0.87 7.62 -27.77
C LEU B 20 0.56 7.43 -27.27
N SER B 21 1.39 8.46 -27.43
CA SER B 21 2.78 8.44 -27.00
C SER B 21 2.98 9.52 -25.95
N CYS B 22 3.62 9.15 -24.84
CA CYS B 22 3.84 10.05 -23.72
C CYS B 22 5.32 10.04 -23.38
N ALA B 23 5.99 11.16 -23.66
CA ALA B 23 7.41 11.31 -23.33
C ALA B 23 7.50 11.98 -21.96
N ALA B 24 7.64 11.17 -20.92
CA ALA B 24 7.79 11.70 -19.57
C ALA B 24 9.21 12.18 -19.35
N SER B 25 9.34 13.33 -18.70
CA SER B 25 10.63 13.89 -18.34
C SER B 25 10.59 14.30 -16.88
N GLY B 26 11.76 14.34 -16.24
CA GLY B 26 11.87 14.69 -14.85
C GLY B 26 11.87 13.52 -13.89
N PHE B 27 11.95 12.29 -14.39
CA PHE B 27 12.01 11.10 -13.56
C PHE B 27 13.21 10.27 -13.97
N THR B 28 13.72 9.48 -13.02
CA THR B 28 14.77 8.53 -13.33
C THR B 28 14.19 7.38 -14.15
N VAL B 29 15.04 6.45 -14.55
CA VAL B 29 14.62 5.25 -15.27
C VAL B 29 14.61 4.08 -14.31
N GLY B 30 13.43 3.49 -14.11
CA GLY B 30 13.28 2.32 -13.27
C GLY B 30 12.58 2.60 -11.96
N ASP B 31 12.39 3.87 -11.58
CA ASP B 31 11.67 4.22 -10.38
C ASP B 31 10.36 4.95 -10.69
N TYR B 32 9.85 4.81 -11.91
CA TYR B 32 8.58 5.40 -12.30
C TYR B 32 7.80 4.41 -13.16
N ALA B 33 6.48 4.56 -13.13
CA ALA B 33 5.58 3.77 -13.94
C ALA B 33 4.72 4.73 -14.75
N ILE B 34 4.59 4.48 -16.06
CA ILE B 34 3.90 5.38 -16.96
C ILE B 34 2.74 4.63 -17.60
N GLY B 35 1.54 5.19 -17.47
CA GLY B 35 0.35 4.59 -18.02
C GLY B 35 -0.73 5.62 -18.18
N TRP B 36 -1.61 5.40 -19.17
CA TRP B 36 -2.67 6.34 -19.46
C TRP B 36 -3.93 5.99 -18.69
N PHE B 37 -4.68 7.04 -18.34
CA PHE B 37 -6.03 6.92 -17.82
C PHE B 37 -6.97 7.63 -18.78
N ARG B 38 -8.08 6.99 -19.09
CA ARG B 38 -9.12 7.59 -19.93
C ARG B 38 -10.30 7.96 -19.05
N GLN B 39 -10.70 9.23 -19.10
CA GLN B 39 -11.79 9.75 -18.28
C GLN B 39 -12.79 10.38 -19.24
N ALA B 40 -13.75 9.58 -19.70
CA ALA B 40 -14.76 10.09 -20.60
C ALA B 40 -15.55 11.21 -19.92
N PRO B 41 -16.10 12.15 -20.69
CA PRO B 41 -16.89 13.22 -20.09
C PRO B 41 -18.06 12.66 -19.29
N GLY B 42 -18.14 13.05 -18.02
CA GLY B 42 -19.23 12.61 -17.17
C GLY B 42 -19.08 11.22 -16.61
N GLN B 43 -17.86 10.69 -16.54
CA GLN B 43 -17.61 9.39 -15.93
C GLN B 43 -16.28 9.44 -15.18
N GLN B 44 -16.02 8.40 -14.40
CA GLN B 44 -14.82 8.36 -13.57
C GLN B 44 -13.65 7.84 -14.37
N ARG B 45 -12.47 8.41 -14.12
CA ARG B 45 -11.26 7.96 -14.79
C ARG B 45 -11.05 6.48 -14.53
N GLU B 46 -10.54 5.78 -15.55
CA GLU B 46 -10.20 4.38 -15.44
C GLU B 46 -8.82 4.16 -16.04
N ALA B 47 -8.00 3.39 -15.34
CA ALA B 47 -6.67 3.07 -15.84
C ALA B 47 -6.79 2.22 -17.10
N VAL B 48 -6.30 2.75 -18.22
CA VAL B 48 -6.31 1.98 -19.45
C VAL B 48 -5.16 0.97 -19.44
N ALA B 49 -3.99 1.40 -18.99
CA ALA B 49 -2.83 0.53 -18.90
C ALA B 49 -1.70 1.29 -18.22
N CYS B 50 -0.68 0.54 -17.82
CA CYS B 50 0.58 1.13 -17.39
C CYS B 50 1.69 0.12 -17.68
N ILE B 51 2.93 0.61 -17.63
CA ILE B 51 4.10 -0.23 -17.77
C ILE B 51 5.13 0.26 -16.77
N SER B 52 5.68 -0.66 -15.98
CA SER B 52 6.69 -0.31 -15.00
C SER B 52 8.06 -0.23 -15.67
N THR B 53 8.75 0.90 -15.49
CA THR B 53 10.10 1.03 -16.00
C THR B 53 11.09 0.15 -15.24
N ASP B 54 10.68 -0.43 -14.11
CA ASP B 54 11.51 -1.39 -13.40
C ASP B 54 11.16 -2.81 -13.82
N ASP B 55 10.04 -3.33 -13.33
CA ASP B 55 9.65 -4.71 -13.61
C ASP B 55 9.49 -4.96 -15.10
N GLY B 56 9.13 -3.94 -15.87
CA GLY B 56 8.70 -4.17 -17.23
C GLY B 56 7.35 -4.86 -17.33
N ASP B 57 6.62 -4.98 -16.23
CA ASP B 57 5.32 -5.62 -16.22
C ASP B 57 4.24 -4.59 -16.52
N THR B 58 3.20 -5.05 -17.21
CA THR B 58 2.13 -4.19 -17.68
C THR B 58 0.80 -4.63 -17.10
N TYR B 59 -0.10 -3.66 -16.94
CA TYR B 59 -1.47 -3.90 -16.53
C TYR B 59 -2.40 -3.39 -17.61
N TYR B 60 -3.58 -4.00 -17.71
CA TYR B 60 -4.60 -3.58 -18.65
C TYR B 60 -5.96 -3.75 -18.02
N ALA B 61 -6.83 -2.76 -18.21
CA ALA B 61 -8.24 -2.99 -17.96
C ALA B 61 -8.71 -4.18 -18.77
N ASP B 62 -9.71 -4.89 -18.26
CA ASP B 62 -10.20 -6.06 -18.99
C ASP B 62 -10.76 -5.65 -20.34
N SER B 63 -11.36 -4.46 -20.43
CA SER B 63 -12.03 -4.04 -21.65
C SER B 63 -11.04 -3.74 -22.77
N VAL B 64 -9.81 -3.39 -22.44
CA VAL B 64 -8.80 -3.00 -23.42
C VAL B 64 -7.74 -4.07 -23.61
N LYS B 65 -7.96 -5.27 -23.07
CA LYS B 65 -6.95 -6.32 -23.16
C LYS B 65 -6.93 -6.90 -24.58
N GLY B 66 -5.73 -6.96 -25.15
CA GLY B 66 -5.55 -7.44 -26.51
C GLY B 66 -5.81 -6.39 -27.56
N ARG B 67 -6.63 -5.38 -27.25
CA ARG B 67 -6.90 -4.29 -28.17
C ARG B 67 -5.86 -3.19 -28.02
N PHE B 68 -5.54 -2.81 -26.78
CA PHE B 68 -4.50 -1.83 -26.49
C PHE B 68 -3.27 -2.55 -25.97
N THR B 69 -2.09 -2.00 -26.26
CA THR B 69 -0.84 -2.56 -25.78
C THR B 69 0.13 -1.43 -25.45
N ILE B 70 0.50 -1.32 -24.19
CA ILE B 70 1.42 -0.29 -23.75
C ILE B 70 2.85 -0.77 -23.95
N SER B 71 3.78 0.19 -24.06
CA SER B 71 5.19 -0.11 -24.22
C SER B 71 5.97 1.07 -23.67
N SER B 72 7.26 0.84 -23.40
CA SER B 72 8.13 1.85 -22.82
C SER B 72 9.52 1.72 -23.41
N ASP B 73 9.95 2.74 -24.15
CA ASP B 73 11.36 2.89 -24.50
C ASP B 73 12.04 3.54 -23.31
N ASN B 74 12.37 2.71 -22.32
CA ASN B 74 12.91 3.22 -21.06
C ASN B 74 14.08 4.16 -21.31
N ALA B 75 14.91 3.85 -22.30
CA ALA B 75 16.02 4.73 -22.67
C ALA B 75 15.50 6.12 -23.02
N LYS B 76 14.60 6.21 -24.00
CA LYS B 76 13.99 7.49 -24.36
C LYS B 76 13.00 7.98 -23.32
N LYS B 77 12.68 7.17 -22.32
CA LYS B 77 11.76 7.58 -21.25
C LYS B 77 10.42 8.02 -21.82
N THR B 78 9.94 7.28 -22.82
CA THR B 78 8.63 7.52 -23.41
C THR B 78 7.87 6.20 -23.47
N ALA B 79 6.55 6.31 -23.48
CA ALA B 79 5.68 5.14 -23.54
C ALA B 79 4.65 5.32 -24.65
N TYR B 80 4.15 4.20 -25.16
CA TYR B 80 3.24 4.20 -26.30
C TYR B 80 2.11 3.23 -26.03
N LEU B 81 0.88 3.69 -26.20
CA LEU B 81 -0.30 2.82 -26.10
C LEU B 81 -0.75 2.51 -27.52
N GLU B 82 -0.66 1.24 -27.90
CA GLU B 82 -1.02 0.78 -29.25
C GLU B 82 -2.48 0.40 -29.23
N MET B 83 -3.35 1.38 -29.46
CA MET B 83 -4.79 1.16 -29.39
C MET B 83 -5.29 0.61 -30.71
N ASN B 84 -6.11 -0.45 -30.64
CA ASN B 84 -6.61 -1.13 -31.82
C ASN B 84 -8.06 -1.54 -31.59
N ASN B 85 -8.78 -1.77 -32.69
CA ASN B 85 -10.20 -2.11 -32.64
C ASN B 85 -10.97 -1.08 -31.82
N LEU B 86 -10.52 0.17 -31.86
CA LEU B 86 -11.11 1.21 -31.02
C LEU B 86 -12.59 1.35 -31.28
N LYS B 87 -13.38 1.24 -30.22
CA LYS B 87 -14.83 1.34 -30.28
C LYS B 87 -15.29 2.73 -29.89
N PRO B 88 -16.49 3.14 -30.29
CA PRO B 88 -17.00 4.45 -29.86
C PRO B 88 -17.08 4.59 -28.35
N GLU B 89 -17.27 3.48 -27.63
CA GLU B 89 -17.28 3.52 -26.18
C GLU B 89 -15.89 3.73 -25.59
N ASP B 90 -14.86 3.86 -26.42
CA ASP B 90 -13.52 4.21 -25.97
C ASP B 90 -13.22 5.68 -26.17
N THR B 91 -14.23 6.48 -26.46
CA THR B 91 -14.07 7.93 -26.60
C THR B 91 -13.89 8.55 -25.22
N ALA B 92 -12.78 9.26 -25.04
CA ALA B 92 -12.51 9.97 -23.79
C ALA B 92 -11.24 10.78 -24.00
N VAL B 93 -10.91 11.59 -23.00
CA VAL B 93 -9.68 12.36 -23.00
C VAL B 93 -8.65 11.54 -22.24
N TYR B 94 -7.83 10.81 -22.98
CA TYR B 94 -6.83 9.97 -22.34
C TYR B 94 -5.74 10.84 -21.73
N HIS B 95 -5.26 10.43 -20.56
CA HIS B 95 -4.31 11.22 -19.78
C HIS B 95 -3.13 10.35 -19.42
N CYS B 96 -1.95 10.72 -19.88
CA CYS B 96 -0.73 10.05 -19.43
C CYS B 96 -0.50 10.35 -17.96
N ALA B 97 -0.30 9.30 -17.17
CA ALA B 97 -0.08 9.44 -15.73
C ALA B 97 1.16 8.65 -15.35
N VAL B 98 2.12 9.32 -14.73
CA VAL B 98 3.37 8.71 -14.32
C VAL B 98 3.40 8.64 -12.79
N ASP B 99 3.72 7.47 -12.26
CA ASP B 99 3.81 7.27 -10.81
C ASP B 99 5.28 7.21 -10.43
N GLY B 100 5.82 8.34 -9.97
CA GLY B 100 7.20 8.37 -9.52
C GLY B 100 7.38 7.74 -8.15
N TRP B 101 6.36 7.82 -7.30
CA TRP B 101 6.45 7.21 -5.98
C TRP B 101 6.62 5.70 -6.09
N ASP B 102 5.77 5.05 -6.89
CA ASP B 102 5.77 3.60 -7.02
C ASP B 102 5.96 3.24 -8.49
N SER B 103 7.15 2.74 -8.83
CA SER B 103 7.34 2.16 -10.15
C SER B 103 6.39 1.01 -10.41
N SER B 104 5.70 0.52 -9.39
CA SER B 104 4.67 -0.49 -9.58
C SER B 104 3.49 0.09 -10.34
N CYS B 105 2.64 -0.80 -10.81
CA CYS B 105 1.33 -0.46 -11.32
C CYS B 105 0.26 -0.52 -10.23
N THR B 106 0.69 -0.60 -8.97
CA THR B 106 -0.23 -0.87 -7.86
C THR B 106 -1.34 0.17 -7.81
N PHE B 107 -1.01 1.45 -7.96
CA PHE B 107 -1.98 2.52 -7.81
C PHE B 107 -2.59 2.94 -9.14
N TYR B 108 -2.20 2.30 -10.25
CA TYR B 108 -3.04 2.31 -11.43
C TYR B 108 -4.24 1.38 -11.26
N SER B 109 -4.18 0.48 -10.27
CA SER B 109 -5.28 -0.44 -10.06
C SER B 109 -6.54 0.34 -9.70
N PRO B 110 -7.71 -0.09 -10.19
CA PRO B 110 -8.94 0.66 -9.88
C PRO B 110 -9.37 0.58 -8.42
N SER B 111 -8.70 -0.22 -7.60
CA SER B 111 -9.08 -0.35 -6.19
C SER B 111 -8.57 0.81 -5.33
N TYR B 112 -7.64 1.61 -5.83
CA TYR B 112 -7.07 2.73 -5.11
C TYR B 112 -7.27 4.03 -5.90
N TYR B 113 -6.86 5.13 -5.28
CA TYR B 113 -6.73 6.42 -5.95
C TYR B 113 -5.33 6.95 -5.70
N ARG B 114 -4.73 7.54 -6.73
CA ARG B 114 -3.40 8.14 -6.63
C ARG B 114 -3.44 9.52 -7.28
N ASP B 115 -3.33 10.56 -6.47
CA ASP B 115 -3.17 11.92 -6.98
C ASP B 115 -1.79 12.01 -7.62
N PHE B 116 -1.75 11.91 -8.95
CA PHE B 116 -0.48 11.90 -9.67
C PHE B 116 0.23 13.24 -9.65
N SER B 117 -0.29 14.24 -8.94
CA SER B 117 0.42 15.51 -8.82
C SER B 117 1.44 15.51 -7.68
N ASP B 118 1.31 14.60 -6.72
CA ASP B 118 2.20 14.60 -5.56
C ASP B 118 3.59 14.12 -5.94
N HIS B 119 3.71 12.85 -6.30
CA HIS B 119 4.98 12.25 -6.71
C HIS B 119 4.80 11.56 -8.06
N GLY B 120 4.42 12.35 -9.05
CA GLY B 120 4.20 11.86 -10.40
C GLY B 120 3.83 12.99 -11.34
N ALA B 121 2.88 12.74 -12.24
CA ALA B 121 2.46 13.76 -13.18
C ALA B 121 1.16 13.31 -13.83
N TRP B 122 0.38 14.29 -14.29
CA TRP B 122 -0.92 14.05 -14.91
C TRP B 122 -0.93 14.69 -16.29
N GLY B 123 -1.19 13.90 -17.32
CA GLY B 123 -1.27 14.44 -18.66
C GLY B 123 -2.49 15.30 -18.83
N GLN B 124 -2.31 16.48 -19.44
CA GLN B 124 -3.44 17.38 -19.64
C GLN B 124 -4.53 16.72 -20.47
N GLY B 125 -4.19 16.27 -21.67
CA GLY B 125 -5.18 15.68 -22.55
C GLY B 125 -4.66 15.24 -23.91
N THR B 126 -4.96 14.00 -24.28
CA THR B 126 -4.84 13.53 -25.65
C THR B 126 -6.21 12.96 -26.00
N GLN B 127 -7.03 13.76 -26.69
CA GLN B 127 -8.44 13.44 -26.86
C GLN B 127 -8.60 12.36 -27.93
N VAL B 128 -9.21 11.24 -27.55
CA VAL B 128 -9.55 10.17 -28.47
C VAL B 128 -11.04 10.24 -28.73
N THR B 129 -11.43 10.06 -30.00
CA THR B 129 -12.83 10.18 -30.39
C THR B 129 -13.10 9.19 -31.52
N VAL B 130 -13.67 8.04 -31.18
CA VAL B 130 -14.08 7.06 -32.18
C VAL B 130 -15.47 7.41 -32.68
N SER B 131 -15.73 7.07 -33.94
CA SER B 131 -16.97 7.49 -34.58
C SER B 131 -17.70 6.33 -35.27
N SER B 132 -18.77 6.64 -36.00
CA SER B 132 -19.58 5.65 -36.69
C SER B 132 -20.09 4.59 -35.73
#